data_5Y7N
#
_entry.id   5Y7N
#
_cell.length_a   89.864
_cell.length_b   89.864
_cell.length_c   78.309
_cell.angle_alpha   90.00
_cell.angle_beta   90.00
_cell.angle_gamma   120.00
#
_symmetry.space_group_name_H-M   'P 61'
#
loop_
_entity.id
_entity.type
_entity.pdbx_description
1 polymer 'Aldo-keto reductase family 1 member B10'
2 non-polymer 'NADP NICOTINAMIDE-ADENINE-DINUCLEOTIDE PHOSPHATE'
3 non-polymer (3S,6S,8S,9S,10R,13S,14R)-10,13-dimethyl-2,3,6,7,8,9,11,12,14,15,16,17-dodecahydro-1H-cyclopenta[a]phenanthrene-3,6-diol
4 water water
#
_entity_poly.entity_id   1
_entity_poly.type   'polypeptide(L)'
_entity_poly.pdbx_seq_one_letter_code
;MATFVELSTKAKMPIVGLGTWKSPLGKVKEAVKVAIDAGYRHIDCAYVYQNEHEVGEAIQEKIQEKAVKREDLFIVSKLW
PTFFERPLVRKAFEKTLKDLKLSYLDVYLIHWPQGFKSGDDLFPKDDKGNAIGGKATFLDAWEAMEELVDEGLVKALGVS
NFSHFQIEKLLNKPGLKYKPVTNQVECHPYLTQEKLIQYCHSKGITVTAYSPLGSPDRPWAKPEDPSLLEDPKIKEIAAK
HKKTAAQVLIRFHIQRNVIVIPKSVTPARIVENIQVFDFKLSDEEMATILSFNRNWRACNVLQSSHLEDYPFNAEY
;
_entity_poly.pdbx_strand_id   A
#
loop_
_chem_comp.id
_chem_comp.type
_chem_comp.name
_chem_comp.formula
8QL non-polymer (3S,6S,8S,9S,10R,13S,14R)-10,13-dimethyl-2,3,6,7,8,9,11,12,14,15,16,17-dodecahydro-1H-cyclopenta[a]phenanthrene-3,6-diol 'C19 H30 O2'
NAP non-polymer 'NADP NICOTINAMIDE-ADENINE-DINUCLEOTIDE PHOSPHATE' 'C21 H28 N7 O17 P3'
#
# COMPACT_ATOMS: atom_id res chain seq x y z
N PHE A 4 11.30 -10.17 3.52
CA PHE A 4 11.10 -10.07 2.07
C PHE A 4 10.39 -11.21 1.37
N VAL A 5 9.56 -10.80 0.42
CA VAL A 5 8.83 -11.69 -0.45
C VAL A 5 9.42 -11.33 -1.80
N GLU A 6 10.03 -12.30 -2.47
CA GLU A 6 10.59 -12.12 -3.82
C GLU A 6 9.53 -11.96 -4.93
N LEU A 7 9.78 -10.95 -5.76
CA LEU A 7 8.95 -10.52 -6.87
C LEU A 7 9.38 -11.09 -8.21
N SER A 8 8.46 -11.15 -9.16
CA SER A 8 8.69 -11.75 -10.45
C SER A 8 9.95 -11.21 -11.07
N THR A 9 10.36 -10.09 -10.50
CA THR A 9 11.55 -9.36 -10.87
C THR A 9 12.83 -9.95 -10.27
N LYS A 10 12.71 -10.93 -9.39
CA LYS A 10 13.87 -11.54 -8.73
C LYS A 10 14.49 -10.52 -7.81
N ALA A 11 13.62 -9.68 -7.30
CA ALA A 11 13.99 -8.51 -6.44
C ALA A 11 13.38 -8.70 -5.03
N LYS A 12 13.77 -7.94 -3.99
CA LYS A 12 13.32 -8.40 -2.67
C LYS A 12 12.51 -7.33 -1.90
N MET A 13 11.19 -7.45 -1.89
CA MET A 13 10.38 -6.45 -1.18
C MET A 13 10.37 -6.89 0.25
N PRO A 14 10.67 -6.03 1.20
CA PRO A 14 10.59 -6.47 2.58
C PRO A 14 9.14 -6.67 2.99
N ILE A 15 8.90 -7.78 3.67
CA ILE A 15 7.58 -8.18 4.07
C ILE A 15 6.85 -7.29 5.07
N VAL A 16 7.55 -6.42 5.73
CA VAL A 16 6.98 -5.47 6.62
C VAL A 16 7.52 -4.12 6.22
N GLY A 17 6.64 -3.14 6.16
CA GLY A 17 7.04 -1.77 5.84
C GLY A 17 6.19 -0.77 6.59
N LEU A 18 6.61 0.48 6.56
CA LEU A 18 5.92 1.52 7.35
C LEU A 18 4.94 2.27 6.49
N GLY A 19 3.70 2.38 6.87
CA GLY A 19 2.76 3.14 6.13
C GLY A 19 2.86 4.58 6.52
N THR A 20 2.55 5.48 5.62
CA THR A 20 2.58 6.91 5.86
C THR A 20 1.31 7.74 5.62
N TRP A 21 0.19 7.12 5.38
CA TRP A 21 -1.02 7.88 5.17
C TRP A 21 -1.49 8.50 6.52
N LYS A 22 -1.85 9.78 6.50
CA LYS A 22 -2.31 10.51 7.73
C LYS A 22 -1.17 10.75 8.72
N SER A 23 0.07 10.45 8.35
CA SER A 23 1.20 10.74 9.22
C SER A 23 1.46 12.24 9.09
N PRO A 24 1.35 13.01 10.16
CA PRO A 24 1.38 14.48 9.96
C PRO A 24 2.78 15.10 9.83
N LEU A 25 2.82 16.27 9.24
CA LEU A 25 4.06 16.97 9.11
C LEU A 25 4.53 17.30 10.49
N GLY A 26 5.76 17.03 10.75
CA GLY A 26 6.34 17.24 12.02
C GLY A 26 6.47 15.97 12.83
N LYS A 27 5.72 14.91 12.54
CA LYS A 27 5.89 13.67 13.27
C LYS A 27 6.40 12.57 12.38
N VAL A 28 6.23 12.77 11.09
CA VAL A 28 6.57 11.73 10.12
C VAL A 28 8.07 11.53 9.89
N LYS A 29 8.86 12.57 10.02
CA LYS A 29 10.31 12.44 9.85
C LYS A 29 10.87 11.57 10.94
N GLU A 30 10.41 11.85 12.14
CA GLU A 30 10.92 11.15 13.28
C GLU A 30 10.43 9.70 13.26
N ALA A 31 9.17 9.53 12.87
CA ALA A 31 8.60 8.22 12.64
C ALA A 31 9.45 7.37 11.65
N VAL A 32 9.82 7.96 10.52
CA VAL A 32 10.68 7.28 9.59
C VAL A 32 12.07 7.04 10.18
N LYS A 33 12.69 8.01 10.87
CA LYS A 33 13.98 7.77 11.52
C LYS A 33 13.91 6.61 12.48
N VAL A 34 12.88 6.60 13.31
CA VAL A 34 12.76 5.53 14.33
C VAL A 34 12.64 4.21 13.59
N ALA A 35 11.79 4.21 12.59
CA ALA A 35 11.52 3.05 11.76
C ALA A 35 12.82 2.37 11.30
N ILE A 36 13.68 3.17 10.66
CA ILE A 36 14.96 2.66 10.16
C ILE A 36 15.86 2.10 11.27
N ASP A 37 15.95 2.77 12.43
CA ASP A 37 16.79 2.25 13.52
C ASP A 37 16.27 0.92 14.00
N ALA A 38 14.96 0.77 13.97
CA ALA A 38 14.36 -0.46 14.40
C ALA A 38 14.42 -1.52 13.31
N GLY A 39 14.96 -1.20 12.14
CA GLY A 39 15.21 -2.23 11.15
C GLY A 39 14.26 -2.25 9.97
N TYR A 40 13.29 -1.34 9.89
CA TYR A 40 12.42 -1.25 8.72
C TYR A 40 13.27 -0.77 7.56
N ARG A 41 12.94 -1.25 6.37
CA ARG A 41 13.62 -0.87 5.13
C ARG A 41 12.63 -0.51 3.99
N HIS A 42 11.41 -1.00 4.12
CA HIS A 42 10.32 -0.74 3.20
C HIS A 42 9.47 0.34 3.83
N ILE A 43 9.30 1.40 3.07
CA ILE A 43 8.47 2.52 3.43
C ILE A 43 7.46 2.79 2.31
N ASP A 44 6.18 2.85 2.64
CA ASP A 44 5.11 3.09 1.71
C ASP A 44 4.70 4.57 1.73
N CYS A 45 4.69 5.19 0.57
CA CYS A 45 4.46 6.58 0.39
C CYS A 45 3.46 6.89 -0.68
N ALA A 46 2.95 8.09 -0.69
CA ALA A 46 2.09 8.54 -1.76
C ALA A 46 2.10 10.04 -1.89
N TYR A 47 1.92 10.50 -3.10
CA TYR A 47 1.87 11.89 -3.43
C TYR A 47 0.70 12.58 -2.71
N VAL A 48 -0.40 11.87 -2.67
CA VAL A 48 -1.61 12.31 -2.06
C VAL A 48 -1.50 12.51 -0.52
N TYR A 49 -0.53 11.87 0.11
CA TYR A 49 -0.27 11.97 1.54
C TYR A 49 0.28 13.31 1.91
N GLN A 50 0.87 14.01 0.97
CA GLN A 50 1.36 15.39 1.16
C GLN A 50 2.45 15.53 2.20
N ASN A 51 3.22 14.47 2.41
CA ASN A 51 4.33 14.45 3.36
C ASN A 51 5.63 13.82 2.87
N GLU A 52 5.75 13.54 1.58
CA GLU A 52 6.89 12.82 1.04
C GLU A 52 8.20 13.59 1.24
N HIS A 53 8.14 14.92 1.29
CA HIS A 53 9.37 15.71 1.40
C HIS A 53 9.91 15.47 2.77
N GLU A 54 9.01 15.42 3.74
CA GLU A 54 9.45 15.14 5.09
C GLU A 54 10.00 13.70 5.21
N VAL A 55 9.37 12.75 4.52
CA VAL A 55 9.89 11.38 4.47
C VAL A 55 11.27 11.36 3.85
N GLY A 56 11.46 12.18 2.81
CA GLY A 56 12.74 12.30 2.13
C GLY A 56 13.85 12.82 3.01
N GLU A 57 13.56 13.86 3.79
CA GLU A 57 14.51 14.35 4.76
C GLU A 57 14.95 13.22 5.68
N ALA A 58 14.01 12.42 6.19
CA ALA A 58 14.41 11.36 7.09
C ALA A 58 15.38 10.41 6.44
N ILE A 59 15.10 10.03 5.19
CA ILE A 59 15.91 9.05 4.50
C ILE A 59 17.29 9.60 4.21
N GLN A 60 17.37 10.79 3.62
CA GLN A 60 18.70 11.37 3.31
C GLN A 60 19.58 11.49 4.56
N GLU A 61 18.98 11.64 5.72
CA GLU A 61 19.78 11.78 6.93
C GLU A 61 20.45 10.47 7.30
N LYS A 62 19.62 9.44 7.40
CA LYS A 62 20.11 8.18 7.85
C LYS A 62 21.11 7.65 6.89
N ILE A 63 20.93 8.04 5.62
CA ILE A 63 21.83 7.59 4.56
C ILE A 63 23.23 8.12 4.83
N GLN A 64 23.33 9.42 4.92
CA GLN A 64 24.58 10.07 5.15
C GLN A 64 25.13 9.66 6.47
N GLU A 65 24.25 9.62 7.44
CA GLU A 65 24.59 9.28 8.78
C GLU A 65 25.06 7.85 8.85
N LYS A 66 24.97 7.15 7.74
CA LYS A 66 25.50 5.81 7.60
C LYS A 66 24.81 4.69 8.32
N ALA A 67 23.65 5.04 8.83
CA ALA A 67 22.77 4.05 9.45
C ALA A 67 22.16 3.11 8.42
N VAL A 68 22.12 3.50 7.14
CA VAL A 68 21.69 2.57 6.09
C VAL A 68 22.22 2.96 4.69
N LYS A 69 22.18 1.99 3.81
CA LYS A 69 22.54 2.14 2.43
C LYS A 69 21.28 2.16 1.58
N ARG A 70 21.26 2.97 0.54
CA ARG A 70 20.15 3.10 -0.34
C ARG A 70 19.73 1.81 -1.01
N GLU A 71 20.64 0.94 -1.37
CA GLU A 71 20.22 -0.31 -2.02
C GLU A 71 19.51 -1.25 -1.06
N ASP A 72 19.74 -1.03 0.23
CA ASP A 72 19.03 -1.77 1.29
C ASP A 72 17.62 -1.22 1.58
N LEU A 73 17.36 0.03 1.22
CA LEU A 73 16.03 0.62 1.31
C LEU A 73 15.11 0.23 0.11
N PHE A 74 13.82 0.24 0.32
CA PHE A 74 12.80 -0.15 -0.65
C PHE A 74 11.66 0.82 -0.51
N ILE A 75 11.64 1.80 -1.36
CA ILE A 75 10.71 2.90 -1.24
C ILE A 75 9.69 2.82 -2.34
N VAL A 76 8.44 2.98 -1.93
CA VAL A 76 7.29 2.89 -2.76
C VAL A 76 6.45 4.13 -2.71
N SER A 77 5.94 4.54 -3.85
CA SER A 77 5.06 5.66 -4.02
C SER A 77 3.99 5.30 -5.04
N LYS A 78 3.01 6.16 -5.21
CA LYS A 78 1.91 5.89 -6.08
C LYS A 78 1.48 7.05 -6.94
N LEU A 79 0.81 6.74 -8.01
CA LEU A 79 0.31 7.74 -8.87
C LEU A 79 -1.18 7.90 -8.68
N TRP A 80 -1.58 9.13 -8.40
CA TRP A 80 -2.95 9.53 -8.18
C TRP A 80 -3.75 9.63 -9.49
N PRO A 81 -5.05 9.15 -9.41
CA PRO A 81 -5.80 9.18 -10.66
C PRO A 81 -6.10 10.46 -11.39
N THR A 82 -5.81 11.62 -10.88
CA THR A 82 -6.07 12.84 -11.59
C THR A 82 -4.87 13.21 -12.45
N PHE A 83 -3.88 12.33 -12.45
CA PHE A 83 -2.61 12.56 -13.14
C PHE A 83 -2.27 11.50 -14.21
N PHE A 84 -3.25 10.78 -14.69
CA PHE A 84 -3.06 9.76 -15.69
C PHE A 84 -2.65 10.21 -17.09
N GLU A 85 -2.90 11.46 -17.46
CA GLU A 85 -2.53 11.99 -18.75
C GLU A 85 -1.04 12.07 -18.80
N ARG A 86 -0.47 11.67 -19.90
CA ARG A 86 0.94 11.48 -19.96
C ARG A 86 1.84 12.61 -19.47
N PRO A 87 1.65 13.84 -19.89
CA PRO A 87 2.56 14.85 -19.31
C PRO A 87 2.47 14.95 -17.74
N LEU A 88 1.26 14.76 -17.21
CA LEU A 88 0.99 14.78 -15.76
C LEU A 88 1.55 13.60 -14.99
N VAL A 89 1.65 12.44 -15.63
CA VAL A 89 2.25 11.29 -15.00
C VAL A 89 3.66 11.62 -14.65
N ARG A 90 4.31 12.41 -15.48
CA ARG A 90 5.71 12.69 -15.29
C ARG A 90 5.95 13.84 -14.31
N LYS A 91 5.04 14.80 -14.30
CA LYS A 91 5.08 15.88 -13.34
C LYS A 91 4.82 15.32 -11.94
N ALA A 92 3.86 14.41 -11.81
CA ALA A 92 3.58 13.78 -10.53
C ALA A 92 4.85 13.12 -10.06
N PHE A 93 5.36 12.23 -10.90
CA PHE A 93 6.52 11.43 -10.54
C PHE A 93 7.72 12.26 -10.15
N GLU A 94 7.97 13.36 -10.84
CA GLU A 94 9.16 14.16 -10.52
C GLU A 94 9.01 14.84 -9.19
N LYS A 95 7.81 15.28 -8.89
CA LYS A 95 7.47 15.86 -7.57
C LYS A 95 7.72 14.80 -6.47
N THR A 96 7.15 13.62 -6.66
CA THR A 96 7.33 12.53 -5.76
C THR A 96 8.83 12.28 -5.65
N LEU A 97 9.53 12.04 -6.74
CA LEU A 97 10.96 11.72 -6.66
C LEU A 97 11.79 12.82 -6.01
N LYS A 98 11.48 14.06 -6.34
CA LYS A 98 12.26 15.17 -5.86
C LYS A 98 12.02 15.35 -4.36
N ASP A 99 10.75 15.36 -3.95
CA ASP A 99 10.41 15.41 -2.53
C ASP A 99 11.14 14.34 -1.74
N LEU A 100 11.10 13.11 -2.24
CA LEU A 100 11.77 12.01 -1.56
C LEU A 100 13.30 12.12 -1.56
N LYS A 101 13.86 13.04 -2.36
CA LYS A 101 15.32 13.26 -2.48
C LYS A 101 16.01 11.96 -2.87
N LEU A 102 15.39 11.26 -3.81
CA LEU A 102 15.87 10.00 -4.32
C LEU A 102 16.26 10.16 -5.79
N SER A 103 17.11 9.29 -6.27
CA SER A 103 17.38 9.23 -7.67
C SER A 103 16.61 8.13 -8.35
N TYR A 104 16.06 7.18 -7.59
CA TYR A 104 15.14 6.19 -8.15
C TYR A 104 14.22 5.59 -7.08
N LEU A 105 13.00 5.24 -7.50
CA LEU A 105 12.03 4.49 -6.70
C LEU A 105 12.14 3.03 -6.94
N ASP A 106 11.91 2.21 -5.92
CA ASP A 106 11.88 0.79 -6.14
C ASP A 106 10.60 0.26 -6.75
N VAL A 107 9.47 0.81 -6.37
CA VAL A 107 8.20 0.48 -7.01
C VAL A 107 7.30 1.71 -7.10
N TYR A 108 6.65 1.89 -8.23
CA TYR A 108 5.72 2.97 -8.45
C TYR A 108 4.39 2.32 -8.80
N LEU A 109 3.35 2.68 -8.08
CA LEU A 109 2.03 2.11 -8.27
C LEU A 109 0.98 3.06 -8.72
N ILE A 110 -0.04 2.52 -9.34
CA ILE A 110 -1.16 3.28 -9.74
C ILE A 110 -2.01 3.14 -8.49
N HIS A 111 -2.35 4.24 -7.87
CA HIS A 111 -3.13 4.25 -6.66
C HIS A 111 -4.57 3.74 -6.72
N TRP A 112 -5.34 4.14 -7.69
CA TRP A 112 -6.70 3.73 -7.82
C TRP A 112 -6.85 3.48 -9.31
N PRO A 113 -7.64 2.51 -9.72
CA PRO A 113 -7.80 2.28 -11.16
C PRO A 113 -8.57 3.25 -12.10
N GLN A 114 -9.55 3.95 -11.58
CA GLN A 114 -10.34 4.83 -12.40
C GLN A 114 -9.75 6.18 -12.47
N GLY A 115 -9.58 6.67 -13.67
CA GLY A 115 -9.04 7.96 -13.95
C GLY A 115 -10.03 9.00 -13.62
N PHE A 116 -9.56 10.10 -13.10
CA PHE A 116 -10.44 11.17 -12.62
C PHE A 116 -10.14 12.49 -13.34
N LYS A 117 -11.14 13.36 -13.38
CA LYS A 117 -10.95 14.60 -14.06
C LYS A 117 -9.72 15.31 -13.54
N SER A 118 -8.91 15.76 -14.47
CA SER A 118 -7.67 16.45 -14.12
C SER A 118 -7.96 17.82 -13.50
N GLY A 119 -6.96 18.36 -12.80
CA GLY A 119 -7.09 19.65 -12.16
C GLY A 119 -6.56 19.66 -10.74
N ASP A 120 -7.22 20.40 -9.89
CA ASP A 120 -6.81 20.46 -8.52
C ASP A 120 -7.57 19.62 -7.56
N ASP A 121 -8.83 19.36 -7.87
CA ASP A 121 -9.57 18.55 -6.96
C ASP A 121 -9.00 17.17 -7.09
N LEU A 122 -8.45 16.67 -6.01
CA LEU A 122 -7.89 15.35 -5.92
C LEU A 122 -9.00 14.38 -6.04
N PHE A 123 -10.19 14.77 -5.58
CA PHE A 123 -11.41 13.96 -5.67
C PHE A 123 -12.52 14.81 -6.29
N PRO A 124 -12.45 15.08 -7.58
CA PRO A 124 -13.44 15.94 -8.23
C PRO A 124 -14.77 15.28 -8.36
N LYS A 125 -15.84 15.97 -7.99
CA LYS A 125 -17.19 15.42 -8.03
C LYS A 125 -18.19 16.32 -8.67
N ASP A 126 -19.34 15.78 -8.99
CA ASP A 126 -20.45 16.53 -9.55
C ASP A 126 -21.22 17.07 -8.38
N ASP A 127 -22.22 17.90 -8.64
CA ASP A 127 -23.03 18.42 -7.56
C ASP A 127 -24.08 17.35 -7.30
N LYS A 128 -23.60 16.12 -7.26
CA LYS A 128 -24.33 14.91 -6.94
C LYS A 128 -23.55 14.24 -5.79
N GLY A 129 -22.25 14.52 -5.75
CA GLY A 129 -21.33 14.02 -4.76
C GLY A 129 -20.47 12.98 -5.45
N ASN A 130 -20.97 12.50 -6.58
CA ASN A 130 -20.30 11.52 -7.42
C ASN A 130 -19.06 12.02 -8.10
N ALA A 131 -18.13 11.10 -8.37
CA ALA A 131 -16.83 11.44 -8.93
C ALA A 131 -16.93 11.72 -10.42
N ILE A 132 -16.02 12.54 -10.91
CA ILE A 132 -15.92 12.85 -12.30
C ILE A 132 -14.76 12.16 -13.04
N GLY A 133 -15.10 11.28 -13.95
CA GLY A 133 -14.11 10.59 -14.78
C GLY A 133 -13.29 11.54 -15.66
N GLY A 134 -12.08 11.12 -16.03
CA GLY A 134 -11.19 11.88 -16.95
C GLY A 134 -10.96 11.22 -18.30
N LYS A 135 -10.09 11.80 -19.11
CA LYS A 135 -9.81 11.25 -20.46
C LYS A 135 -8.96 9.97 -20.45
N ALA A 136 -7.78 10.05 -19.84
CA ALA A 136 -6.82 8.96 -19.82
C ALA A 136 -7.28 7.81 -18.92
N THR A 137 -7.02 6.59 -19.35
CA THR A 137 -7.25 5.45 -18.47
C THR A 137 -5.96 5.04 -17.72
N PHE A 138 -6.03 4.00 -16.90
CA PHE A 138 -4.90 3.42 -16.22
C PHE A 138 -3.93 2.75 -17.20
N LEU A 139 -4.43 2.28 -18.32
CA LEU A 139 -3.59 1.71 -19.35
C LEU A 139 -2.62 2.76 -19.92
N ASP A 140 -3.17 3.94 -20.13
CA ASP A 140 -2.41 5.04 -20.63
C ASP A 140 -1.32 5.41 -19.64
N ALA A 141 -1.72 5.40 -18.39
CA ALA A 141 -0.86 5.72 -17.30
C ALA A 141 0.26 4.75 -17.20
N TRP A 142 -0.02 3.47 -17.36
CA TRP A 142 0.94 2.43 -17.29
C TRP A 142 1.95 2.63 -18.37
N GLU A 143 1.53 3.08 -19.53
CA GLU A 143 2.48 3.29 -20.62
C GLU A 143 3.48 4.37 -20.29
N ALA A 144 2.97 5.44 -19.74
CA ALA A 144 3.84 6.50 -19.31
C ALA A 144 4.75 6.00 -18.17
N MET A 145 4.22 5.20 -17.28
CA MET A 145 4.96 4.65 -16.18
C MET A 145 6.03 3.69 -16.64
N GLU A 146 5.77 2.98 -17.71
CA GLU A 146 6.68 2.05 -18.29
C GLU A 146 7.89 2.80 -18.78
N GLU A 147 7.68 3.99 -19.25
CA GLU A 147 8.81 4.76 -19.69
C GLU A 147 9.83 4.97 -18.60
N LEU A 148 9.37 5.08 -17.38
CA LEU A 148 10.17 5.40 -16.20
C LEU A 148 11.10 4.31 -15.83
N VAL A 149 10.68 3.09 -16.11
CA VAL A 149 11.46 1.89 -15.78
C VAL A 149 12.61 1.77 -16.77
N ASP A 150 12.30 1.94 -18.08
CA ASP A 150 13.32 2.10 -19.16
C ASP A 150 14.42 3.11 -18.84
N GLU A 151 14.12 4.17 -18.12
CA GLU A 151 15.14 5.18 -17.85
C GLU A 151 15.88 4.95 -16.56
N GLY A 152 15.59 3.85 -15.88
CA GLY A 152 16.30 3.53 -14.66
C GLY A 152 15.85 4.36 -13.46
N LEU A 153 14.73 5.09 -13.61
CA LEU A 153 14.14 5.94 -12.55
C LEU A 153 13.16 5.21 -11.62
N VAL A 154 12.46 4.19 -12.13
CA VAL A 154 11.68 3.29 -11.33
C VAL A 154 12.21 1.90 -11.69
N LYS A 155 12.15 0.96 -10.74
CA LYS A 155 12.63 -0.38 -10.92
C LYS A 155 11.54 -1.37 -11.18
N ALA A 156 10.33 -1.11 -10.70
CA ALA A 156 9.19 -1.93 -11.08
C ALA A 156 7.94 -1.17 -10.85
N LEU A 157 6.88 -1.69 -11.43
CA LEU A 157 5.60 -1.10 -11.34
C LEU A 157 4.68 -2.04 -10.63
N GLY A 158 3.61 -1.48 -10.11
CA GLY A 158 2.58 -2.20 -9.40
C GLY A 158 1.25 -1.51 -9.42
N VAL A 159 0.21 -2.19 -8.98
CA VAL A 159 -1.10 -1.61 -8.92
C VAL A 159 -1.60 -1.64 -7.47
N SER A 160 -2.65 -0.87 -7.23
CA SER A 160 -3.34 -0.84 -5.96
C SER A 160 -4.83 -0.68 -6.16
N ASN A 161 -5.62 -1.36 -5.37
CA ASN A 161 -7.06 -1.30 -5.47
C ASN A 161 -7.58 -1.81 -6.85
N PHE A 162 -6.99 -2.85 -7.37
CA PHE A 162 -7.39 -3.44 -8.59
C PHE A 162 -8.04 -4.78 -8.30
N SER A 163 -9.14 -5.10 -8.97
CA SER A 163 -9.75 -6.42 -8.95
C SER A 163 -9.06 -7.26 -10.00
N HIS A 164 -9.37 -8.52 -10.04
CA HIS A 164 -8.78 -9.43 -10.98
C HIS A 164 -9.08 -8.95 -12.36
N PHE A 165 -10.24 -8.34 -12.53
CA PHE A 165 -10.64 -7.83 -13.81
C PHE A 165 -9.67 -6.78 -14.31
N GLN A 166 -9.27 -5.85 -13.47
CA GLN A 166 -8.33 -4.84 -13.88
C GLN A 166 -6.98 -5.40 -14.20
N ILE A 167 -6.51 -6.35 -13.41
CA ILE A 167 -5.26 -7.00 -13.62
C ILE A 167 -5.28 -7.74 -14.94
N GLU A 168 -6.38 -8.40 -15.26
CA GLU A 168 -6.50 -9.12 -16.49
C GLU A 168 -6.44 -8.17 -17.63
N LYS A 169 -7.12 -7.07 -17.50
CA LYS A 169 -7.12 -6.07 -18.53
C LYS A 169 -5.72 -5.54 -18.77
N LEU A 170 -4.96 -5.40 -17.73
CA LEU A 170 -3.59 -4.89 -17.84
C LEU A 170 -2.61 -5.91 -18.43
N LEU A 171 -2.62 -7.14 -17.94
CA LEU A 171 -1.73 -8.19 -18.43
C LEU A 171 -1.99 -8.50 -19.93
N ASN A 172 -3.19 -8.16 -20.44
CA ASN A 172 -3.58 -8.47 -21.81
C ASN A 172 -3.41 -7.30 -22.75
N LYS A 173 -2.74 -6.25 -22.27
CA LYS A 173 -2.57 -5.06 -23.04
C LYS A 173 -1.47 -5.30 -24.12
N PRO A 174 -1.76 -4.86 -25.35
CA PRO A 174 -0.80 -4.99 -26.43
C PRO A 174 0.33 -4.06 -26.14
N GLY A 175 1.55 -4.54 -26.31
CA GLY A 175 2.74 -3.70 -26.14
C GLY A 175 3.26 -3.69 -24.72
N LEU A 176 2.62 -4.45 -23.84
CA LEU A 176 3.03 -4.38 -22.50
C LEU A 176 4.48 -4.67 -22.37
N LYS A 177 5.18 -3.67 -21.94
CA LYS A 177 6.62 -3.77 -21.66
C LYS A 177 6.88 -4.35 -20.27
N TYR A 178 6.09 -3.96 -19.27
CA TYR A 178 6.43 -4.30 -17.86
C TYR A 178 5.23 -4.75 -17.07
N LYS A 179 5.36 -5.86 -16.38
CA LYS A 179 4.31 -6.45 -15.56
C LYS A 179 4.19 -5.88 -14.15
N PRO A 180 3.02 -6.00 -13.55
CA PRO A 180 2.86 -5.45 -12.20
C PRO A 180 3.42 -6.41 -11.17
N VAL A 181 4.31 -5.92 -10.32
CA VAL A 181 4.86 -6.74 -9.25
C VAL A 181 3.95 -7.06 -8.08
N THR A 182 3.17 -6.11 -7.66
CA THR A 182 2.30 -6.29 -6.55
C THR A 182 0.97 -5.66 -6.76
N ASN A 183 -0.03 -6.02 -5.99
CA ASN A 183 -1.32 -5.38 -5.94
C ASN A 183 -1.49 -5.00 -4.43
N GLN A 184 -1.44 -3.74 -4.12
CA GLN A 184 -1.60 -3.28 -2.78
C GLN A 184 -3.07 -3.05 -2.50
N VAL A 185 -3.64 -3.81 -1.60
CA VAL A 185 -5.04 -3.70 -1.22
C VAL A 185 -5.26 -3.78 0.27
N GLU A 186 -6.48 -3.50 0.70
CA GLU A 186 -6.85 -3.59 2.08
C GLU A 186 -6.96 -5.06 2.39
N CYS A 187 -6.39 -5.49 3.49
CA CYS A 187 -6.51 -6.87 3.87
C CYS A 187 -6.25 -6.99 5.40
N HIS A 188 -7.09 -7.77 6.05
CA HIS A 188 -7.09 -8.06 7.47
C HIS A 188 -8.08 -9.16 7.79
N PRO A 189 -8.23 -9.52 9.11
CA PRO A 189 -9.22 -10.58 9.40
C PRO A 189 -10.69 -10.30 9.07
N TYR A 190 -11.13 -9.07 8.99
CA TYR A 190 -12.44 -8.69 8.52
C TYR A 190 -12.61 -8.62 7.00
N LEU A 191 -11.51 -8.53 6.25
CA LEU A 191 -11.47 -8.52 4.80
C LEU A 191 -10.32 -9.41 4.34
N THR A 192 -10.51 -10.71 4.41
CA THR A 192 -9.48 -11.71 4.08
C THR A 192 -8.92 -11.79 2.68
N GLN A 193 -9.76 -11.51 1.74
CA GLN A 193 -9.32 -11.45 0.35
C GLN A 193 -8.80 -12.77 -0.23
N GLU A 194 -9.40 -13.90 0.15
CA GLU A 194 -8.88 -15.22 -0.31
C GLU A 194 -8.78 -15.38 -1.84
N LYS A 195 -9.81 -14.99 -2.55
CA LYS A 195 -9.83 -15.24 -3.96
C LYS A 195 -8.88 -14.30 -4.68
N LEU A 196 -8.81 -13.05 -4.25
CA LEU A 196 -7.99 -12.08 -4.92
C LEU A 196 -6.49 -12.35 -4.75
N ILE A 197 -6.15 -12.89 -3.59
CA ILE A 197 -4.79 -13.38 -3.30
C ILE A 197 -4.48 -14.65 -4.12
N GLN A 198 -5.40 -15.60 -4.13
CA GLN A 198 -5.25 -16.81 -4.94
C GLN A 198 -4.92 -16.36 -6.36
N TYR A 199 -5.67 -15.37 -6.84
CA TYR A 199 -5.57 -14.98 -8.22
C TYR A 199 -4.24 -14.38 -8.48
N CYS A 200 -3.79 -13.53 -7.57
CA CYS A 200 -2.59 -12.73 -7.81
C CYS A 200 -1.36 -13.58 -7.73
N HIS A 201 -1.37 -14.52 -6.78
CA HIS A 201 -0.31 -15.52 -6.70
C HIS A 201 -0.24 -16.41 -7.96
N SER A 202 -1.38 -16.85 -8.48
CA SER A 202 -1.38 -17.64 -9.70
C SER A 202 -0.82 -16.88 -10.90
N LYS A 203 -0.61 -15.56 -10.77
CA LYS A 203 -0.02 -14.75 -11.84
C LYS A 203 1.40 -14.24 -11.51
N GLY A 204 1.93 -14.68 -10.38
CA GLY A 204 3.22 -14.21 -9.94
C GLY A 204 3.20 -12.76 -9.50
N ILE A 205 2.05 -12.31 -9.00
CA ILE A 205 1.93 -10.96 -8.43
C ILE A 205 1.73 -11.05 -6.94
N THR A 206 2.55 -10.38 -6.18
CA THR A 206 2.42 -10.35 -4.76
C THR A 206 1.24 -9.49 -4.35
N VAL A 207 0.82 -9.65 -3.12
CA VAL A 207 -0.20 -8.83 -2.57
C VAL A 207 0.39 -8.04 -1.41
N THR A 208 0.15 -6.74 -1.36
CA THR A 208 0.56 -5.88 -0.24
C THR A 208 -0.73 -5.46 0.50
N ALA A 209 -0.83 -5.82 1.77
CA ALA A 209 -1.97 -5.49 2.60
C ALA A 209 -1.90 -4.17 3.35
N TYR A 210 -2.80 -3.29 3.00
CA TYR A 210 -2.91 -1.99 3.60
C TYR A 210 -4.03 -1.96 4.65
N SER A 211 -3.96 -1.05 5.60
CA SER A 211 -4.91 -0.93 6.71
C SER A 211 -4.98 -2.22 7.52
N PRO A 212 -3.83 -2.80 7.75
CA PRO A 212 -3.80 -4.06 8.48
C PRO A 212 -4.36 -4.05 9.89
N LEU A 213 -4.38 -2.88 10.49
CA LEU A 213 -4.91 -2.69 11.80
C LEU A 213 -6.31 -2.14 11.83
N GLY A 214 -6.94 -1.96 10.68
CA GLY A 214 -8.24 -1.42 10.65
C GLY A 214 -8.32 0.04 10.47
N SER A 215 -7.22 0.71 10.23
CA SER A 215 -7.26 2.13 10.00
C SER A 215 -8.11 2.92 11.03
N PRO A 216 -7.85 2.90 12.33
CA PRO A 216 -8.84 3.57 13.24
C PRO A 216 -9.13 5.08 13.02
N ASP A 217 -8.02 5.75 12.87
CA ASP A 217 -7.69 7.06 12.52
C ASP A 217 -8.13 7.52 11.20
N ARG A 218 -8.73 6.66 10.40
CA ARG A 218 -9.39 7.21 9.27
C ARG A 218 -10.45 8.17 9.78
N PRO A 219 -10.61 9.29 9.11
CA PRO A 219 -11.57 10.33 9.48
C PRO A 219 -13.00 9.85 9.61
N TRP A 220 -13.45 9.04 8.66
CA TRP A 220 -14.83 8.56 8.62
C TRP A 220 -15.21 7.46 9.57
N ALA A 221 -14.26 7.00 10.36
CA ALA A 221 -14.52 5.94 11.32
C ALA A 221 -15.80 6.20 12.09
N LYS A 222 -16.76 5.30 11.99
CA LYS A 222 -17.96 5.42 12.79
C LYS A 222 -17.76 4.52 14.02
N PRO A 223 -18.37 4.89 15.16
CA PRO A 223 -18.18 4.08 16.38
C PRO A 223 -18.85 2.69 16.33
N GLU A 224 -19.84 2.52 15.47
CA GLU A 224 -20.43 1.20 15.29
C GLU A 224 -19.46 0.29 14.52
N ASP A 225 -18.62 0.88 13.66
CA ASP A 225 -17.69 0.16 12.85
C ASP A 225 -16.85 -0.87 13.61
N PRO A 226 -16.67 -2.03 12.88
CA PRO A 226 -15.92 -3.09 13.55
C PRO A 226 -14.56 -2.60 13.98
N SER A 227 -13.93 -3.25 14.96
CA SER A 227 -12.70 -2.73 15.53
C SER A 227 -11.70 -3.81 15.81
N LEU A 228 -10.75 -4.04 14.89
CA LEU A 228 -9.84 -5.21 15.00
C LEU A 228 -8.89 -5.12 16.18
N LEU A 229 -8.43 -3.94 16.51
CA LEU A 229 -7.53 -3.75 17.61
C LEU A 229 -8.13 -4.12 18.96
N GLU A 230 -9.44 -4.01 19.13
CA GLU A 230 -10.11 -4.45 20.37
C GLU A 230 -10.97 -5.70 20.18
N ASP A 231 -10.78 -6.48 19.11
CA ASP A 231 -11.46 -7.75 18.96
C ASP A 231 -11.05 -8.70 20.10
N PRO A 232 -12.02 -9.18 20.89
CA PRO A 232 -11.70 -10.08 21.99
C PRO A 232 -10.96 -11.35 21.62
N LYS A 233 -11.34 -11.95 20.52
CA LYS A 233 -10.74 -13.20 20.09
C LYS A 233 -9.32 -13.00 19.55
N ILE A 234 -9.05 -11.89 18.85
CA ILE A 234 -7.68 -11.50 18.39
C ILE A 234 -6.81 -11.29 19.61
N LYS A 235 -7.30 -10.50 20.56
CA LYS A 235 -6.55 -10.26 21.81
C LYS A 235 -6.35 -11.49 22.65
N GLU A 236 -7.26 -12.44 22.52
CA GLU A 236 -7.11 -13.74 23.18
C GLU A 236 -5.87 -14.41 22.67
N ILE A 237 -5.72 -14.47 21.34
CA ILE A 237 -4.57 -15.14 20.70
C ILE A 237 -3.21 -14.42 20.92
N ALA A 238 -3.26 -13.09 20.92
CA ALA A 238 -2.16 -12.23 21.26
C ALA A 238 -1.62 -12.59 22.64
N ALA A 239 -2.52 -12.56 23.62
CA ALA A 239 -2.15 -12.89 24.99
C ALA A 239 -1.46 -14.25 25.06
N LYS A 240 -1.99 -15.21 24.32
CA LYS A 240 -1.43 -16.55 24.28
C LYS A 240 0.06 -16.51 23.94
N HIS A 241 0.43 -15.54 23.11
CA HIS A 241 1.85 -15.37 22.69
C HIS A 241 2.61 -14.26 23.38
N LYS A 242 2.04 -13.70 24.44
CA LYS A 242 2.64 -12.52 25.08
C LYS A 242 3.02 -11.46 24.04
N LYS A 243 2.04 -11.12 23.22
CA LYS A 243 2.15 -10.18 22.14
C LYS A 243 0.96 -9.26 22.08
N THR A 244 1.02 -8.19 21.33
CA THR A 244 -0.17 -7.34 21.25
C THR A 244 -1.09 -7.81 20.10
N ALA A 245 -2.29 -7.27 20.09
CA ALA A 245 -3.23 -7.55 19.02
C ALA A 245 -2.67 -7.03 17.69
N ALA A 246 -2.00 -5.88 17.70
CA ALA A 246 -1.34 -5.33 16.52
C ALA A 246 -0.29 -6.27 15.95
N GLN A 247 0.52 -6.80 16.85
CA GLN A 247 1.49 -7.84 16.49
C GLN A 247 0.83 -8.99 15.79
N VAL A 248 -0.28 -9.48 16.34
CA VAL A 248 -0.91 -10.66 15.76
C VAL A 248 -1.49 -10.34 14.37
N LEU A 249 -2.11 -9.18 14.26
CA LEU A 249 -2.75 -8.76 13.02
C LEU A 249 -1.79 -8.61 11.89
N ILE A 250 -0.55 -8.27 12.23
CA ILE A 250 0.54 -8.05 11.31
C ILE A 250 1.13 -9.36 10.88
N ARG A 251 1.35 -10.26 11.83
CA ARG A 251 1.91 -11.60 11.60
C ARG A 251 1.04 -12.51 10.73
N PHE A 252 -0.28 -12.36 10.88
CA PHE A 252 -1.28 -13.03 10.03
C PHE A 252 -0.95 -12.94 8.53
N HIS A 253 -0.59 -11.76 8.03
CA HIS A 253 -0.21 -11.60 6.64
C HIS A 253 1.04 -12.31 6.21
N ILE A 254 2.07 -12.22 7.03
CA ILE A 254 3.35 -12.81 6.78
C ILE A 254 3.22 -14.30 6.59
N GLN A 255 2.40 -14.95 7.39
CA GLN A 255 2.24 -16.37 7.32
C GLN A 255 1.52 -16.77 6.12
N ARG A 256 0.90 -15.80 5.50
CA ARG A 256 0.19 -16.03 4.26
C ARG A 256 0.96 -15.55 3.05
N ASN A 257 2.21 -15.18 3.24
CA ASN A 257 3.04 -14.67 2.17
C ASN A 257 2.66 -13.35 1.55
N VAL A 258 2.06 -12.53 2.39
CA VAL A 258 1.51 -11.25 1.98
C VAL A 258 2.28 -10.13 2.70
N ILE A 259 2.65 -9.12 1.95
CA ILE A 259 3.35 -7.99 2.47
C ILE A 259 2.39 -7.12 3.26
N VAL A 260 2.85 -6.56 4.36
CA VAL A 260 2.06 -5.77 5.22
C VAL A 260 2.74 -4.46 5.62
N ILE A 261 1.98 -3.39 5.60
CA ILE A 261 2.49 -2.07 5.90
C ILE A 261 1.71 -1.21 6.92
N PRO A 262 1.80 -1.54 8.19
CA PRO A 262 1.09 -0.79 9.21
C PRO A 262 1.62 0.58 9.43
N LYS A 263 0.74 1.49 9.71
CA LYS A 263 1.13 2.84 9.94
C LYS A 263 1.16 3.27 11.40
N SER A 264 2.18 4.04 11.69
CA SER A 264 2.37 4.69 12.95
C SER A 264 3.35 5.82 12.94
N VAL A 265 3.08 6.82 13.76
CA VAL A 265 3.98 7.94 14.13
C VAL A 265 4.32 7.93 15.63
N THR A 266 3.91 6.88 16.35
CA THR A 266 4.30 6.71 17.76
C THR A 266 5.50 5.80 17.84
N PRO A 267 6.65 6.32 18.31
CA PRO A 267 7.88 5.53 18.29
C PRO A 267 7.75 4.17 18.93
N ALA A 268 7.07 4.05 20.04
CA ALA A 268 6.99 2.76 20.72
C ALA A 268 6.24 1.70 19.90
N ARG A 269 5.24 2.16 19.17
CA ARG A 269 4.40 1.29 18.32
C ARG A 269 5.09 0.93 17.00
N ILE A 270 5.80 1.91 16.45
CA ILE A 270 6.59 1.68 15.26
C ILE A 270 7.52 0.51 15.53
N VAL A 271 8.07 0.42 16.76
CA VAL A 271 9.01 -0.63 17.13
C VAL A 271 8.30 -1.95 17.39
N GLU A 272 7.16 -1.88 18.10
CA GLU A 272 6.33 -3.05 18.37
C GLU A 272 5.88 -3.73 17.08
N ASN A 273 5.46 -2.93 16.13
CA ASN A 273 4.93 -3.45 14.90
C ASN A 273 5.91 -4.27 14.08
N ILE A 274 7.21 -4.20 14.36
CA ILE A 274 8.16 -5.10 13.65
C ILE A 274 8.74 -6.25 14.48
N GLN A 275 8.40 -6.32 15.77
CA GLN A 275 8.77 -7.48 16.58
C GLN A 275 7.74 -8.56 16.24
N VAL A 276 7.73 -8.95 14.98
CA VAL A 276 6.83 -9.99 14.50
C VAL A 276 7.52 -11.12 13.80
N PHE A 277 8.82 -11.23 13.98
CA PHE A 277 9.61 -12.32 13.40
C PHE A 277 10.11 -13.26 14.49
N ASP A 278 9.56 -13.15 15.69
CA ASP A 278 9.99 -13.98 16.81
C ASP A 278 8.92 -14.86 17.41
N PHE A 279 7.84 -15.03 16.69
CA PHE A 279 6.75 -15.88 17.10
C PHE A 279 5.98 -16.41 15.93
N LYS A 280 5.25 -17.49 16.14
CA LYS A 280 4.47 -18.13 15.12
C LYS A 280 3.04 -18.44 15.60
N LEU A 281 2.07 -18.00 14.82
CA LEU A 281 0.71 -18.42 15.01
C LEU A 281 0.65 -19.85 14.55
N SER A 282 -0.12 -20.69 15.24
CA SER A 282 -0.35 -22.08 14.81
C SER A 282 -1.29 -22.09 13.62
N ASP A 283 -1.53 -23.30 13.11
CA ASP A 283 -2.54 -23.53 12.08
C ASP A 283 -3.98 -23.25 12.56
N GLU A 284 -4.29 -23.65 13.78
CA GLU A 284 -5.61 -23.39 14.32
C GLU A 284 -5.81 -21.93 14.34
N GLU A 285 -4.74 -21.24 14.75
CA GLU A 285 -4.82 -19.81 14.96
C GLU A 285 -5.03 -19.04 13.64
N MET A 286 -4.36 -19.47 12.59
CA MET A 286 -4.61 -18.90 11.26
C MET A 286 -6.04 -19.21 10.81
N ALA A 287 -6.41 -20.47 10.88
CA ALA A 287 -7.73 -20.88 10.48
C ALA A 287 -8.84 -20.11 11.25
N THR A 288 -8.70 -20.01 12.55
CA THR A 288 -9.61 -19.19 13.36
C THR A 288 -9.65 -17.76 12.88
N ILE A 289 -8.49 -17.16 12.71
CA ILE A 289 -8.42 -15.74 12.33
C ILE A 289 -8.98 -15.55 10.93
N LEU A 290 -8.71 -16.50 10.05
CA LEU A 290 -9.29 -16.48 8.70
C LEU A 290 -10.80 -16.51 8.68
N SER A 291 -11.39 -17.21 9.64
CA SER A 291 -12.85 -17.32 9.68
C SER A 291 -13.54 -16.05 10.21
N PHE A 292 -12.81 -15.00 10.55
CA PHE A 292 -13.47 -13.73 10.92
C PHE A 292 -13.86 -12.89 9.68
N ASN A 293 -13.60 -13.35 8.49
CA ASN A 293 -13.93 -12.52 7.37
C ASN A 293 -15.37 -12.01 7.39
N ARG A 294 -15.55 -10.75 7.08
CA ARG A 294 -16.85 -10.13 7.07
C ARG A 294 -17.11 -9.32 5.85
N ASN A 295 -16.17 -9.30 4.94
CA ASN A 295 -16.19 -8.50 3.74
C ASN A 295 -16.39 -7.05 4.07
N TRP A 296 -15.74 -6.64 5.14
CA TRP A 296 -15.81 -5.29 5.60
C TRP A 296 -14.61 -4.48 5.16
N ARG A 297 -14.91 -3.34 4.58
CA ARG A 297 -13.91 -2.45 4.13
C ARG A 297 -13.89 -1.18 4.86
N ALA A 298 -12.79 -0.89 5.49
CA ALA A 298 -12.54 0.42 6.07
C ALA A 298 -12.34 1.53 5.07
N CYS A 299 -11.76 1.29 3.92
CA CYS A 299 -11.57 2.33 2.95
C CYS A 299 -12.46 2.12 1.79
N ASN A 300 -13.60 2.74 1.87
CA ASN A 300 -14.65 2.65 0.91
C ASN A 300 -15.33 3.98 0.67
N VAL A 301 -14.59 5.03 0.85
CA VAL A 301 -15.09 6.38 0.67
C VAL A 301 -15.50 6.91 -0.73
N LEU A 302 -14.79 6.54 -1.78
CA LEU A 302 -15.04 6.99 -3.18
C LEU A 302 -16.38 6.60 -3.82
N GLN A 303 -16.78 5.37 -3.66
CA GLN A 303 -18.07 4.94 -4.13
C GLN A 303 -18.39 5.29 -5.58
N SER A 304 -17.41 5.16 -6.45
CA SER A 304 -17.59 5.52 -7.82
C SER A 304 -18.07 4.40 -8.70
N SER A 305 -19.11 3.73 -8.29
CA SER A 305 -19.67 2.60 -8.99
C SER A 305 -20.18 2.88 -10.39
N HIS A 306 -20.58 4.12 -10.64
CA HIS A 306 -21.05 4.61 -11.93
C HIS A 306 -19.99 4.68 -12.97
N LEU A 307 -18.77 5.09 -12.57
CA LEU A 307 -17.64 5.12 -13.50
C LEU A 307 -17.12 3.73 -13.77
N GLU A 308 -16.40 3.62 -14.84
CA GLU A 308 -15.84 2.39 -15.31
C GLU A 308 -14.65 1.86 -14.52
N ASP A 309 -14.52 0.56 -14.49
CA ASP A 309 -13.43 -0.07 -13.77
C ASP A 309 -13.46 0.09 -12.24
N TYR A 310 -14.65 0.02 -11.66
CA TYR A 310 -14.77 0.19 -10.26
C TYR A 310 -14.40 -1.13 -9.69
N PRO A 311 -13.33 -1.07 -8.81
CA PRO A 311 -12.88 -2.35 -8.27
C PRO A 311 -13.69 -3.13 -7.29
N PHE A 312 -14.37 -2.47 -6.37
CA PHE A 312 -15.09 -3.10 -5.29
C PHE A 312 -16.40 -3.82 -5.49
N ASN A 313 -17.06 -3.56 -6.60
CA ASN A 313 -18.31 -4.24 -6.92
C ASN A 313 -18.14 -5.72 -7.19
N ALA A 314 -17.04 -6.07 -7.85
CA ALA A 314 -16.73 -7.45 -8.22
C ALA A 314 -16.51 -8.34 -6.99
N GLU A 315 -16.56 -9.65 -7.15
CA GLU A 315 -16.26 -10.53 -6.03
C GLU A 315 -14.77 -10.49 -5.58
N TYR A 316 -13.86 -10.51 -6.56
CA TYR A 316 -12.41 -10.41 -6.32
C TYR A 316 -11.75 -9.78 -7.55
PA NAP B . -3.55 1.04 9.95
O1A NAP B . -4.22 -0.15 9.96
O2A NAP B . -2.19 0.85 9.84
O5B NAP B . -3.81 1.97 11.13
C5B NAP B . -2.99 2.95 11.69
C4B NAP B . -3.44 3.32 13.09
O4B NAP B . -3.00 2.39 14.04
C3B NAP B . -2.88 4.62 13.58
O3B NAP B . -3.87 5.32 14.26
C2B NAP B . -1.89 4.26 14.62
O2B NAP B . -1.72 5.31 15.55
C1B NAP B . -2.49 3.02 15.15
N9A NAP B . -1.48 2.07 15.53
C8A NAP B . -0.43 1.80 14.84
N7A NAP B . 0.27 0.86 15.42
C5A NAP B . -0.34 0.53 16.53
C6A NAP B . -0.13 -0.40 17.64
N6A NAP B . 0.90 -1.19 17.73
N1A NAP B . -1.03 -0.39 18.59
C2A NAP B . -2.06 0.39 18.55
N3A NAP B . -2.34 1.23 17.62
C4A NAP B . -1.52 1.35 16.60
O3 NAP B . -4.18 1.83 8.77
PN NAP B . -3.71 2.80 7.66
O1N NAP B . -3.12 3.99 8.07
O2N NAP B . -4.49 2.95 6.53
O5D NAP B . -2.55 1.89 7.34
C5D NAP B . -2.19 1.27 6.18
C4D NAP B . -1.00 1.93 5.51
O4D NAP B . -1.20 1.41 4.26
C3D NAP B . -1.14 3.40 5.26
O3D NAP B . -0.51 4.25 6.19
C2D NAP B . -0.74 3.62 3.85
O2D NAP B . 0.65 3.73 3.71
C1D NAP B . -1.23 2.36 3.26
N1N NAP B . -2.58 2.50 2.71
C2N NAP B . -2.65 2.42 1.40
C3N NAP B . -3.84 2.59 0.72
C7N NAP B . -4.01 2.47 -0.76
O7N NAP B . -5.04 2.81 -1.22
N7N NAP B . -3.16 1.89 -1.56
C4N NAP B . -4.95 2.79 1.48
C5N NAP B . -4.86 2.85 2.83
C6N NAP B . -3.65 2.71 3.45
P2B NAP B . -0.45 6.15 15.71
O1X NAP B . -0.06 6.50 14.43
O2X NAP B . -0.88 7.26 16.46
O3X NAP B . 0.44 5.29 16.33
C4 8QL C . -9.82 6.59 1.13
C5 8QL C . -7.59 6.63 -0.03
C6 8QL C . -6.80 7.47 0.94
C7 8QL C . -7.08 8.97 0.76
C8 8QL C . -8.54 9.39 0.51
C10 8QL C . -10.61 8.94 -0.86
C13 8QL C . -10.99 11.98 0.07
C15 8QL C . -7.42 11.50 -0.70
C17 8QL C . -9.29 12.48 -1.74
O1 8QL C . -5.40 7.23 0.74
C18 8QL C . -6.97 5.69 -0.81
C 8QL C . -7.60 4.80 -1.77
O 8QL C . -8.14 3.68 -1.06
C14 8QL C . -8.62 10.88 0.02
C16 8QL C . -7.93 12.82 -1.17
C12 8QL C . -9.88 11.37 -0.82
C11 8QL C . -10.49 10.24 -1.66
C9 8QL C . -9.21 8.46 -0.52
C3 8QL C . -9.10 6.94 -0.18
C2 8QL C . -9.72 6.10 -1.33
C1 8QL C . -8.76 5.58 -2.39
#